data_3LPE
#
_entry.id   3LPE
#
_cell.length_a   64.360
_cell.length_b   63.970
_cell.length_c   83.040
_cell.angle_alpha   90.00
_cell.angle_beta   106.98
_cell.angle_gamma   90.00
#
_symmetry.space_group_name_H-M   'P 1 21 1'
#
loop_
_entity.id
_entity.type
_entity.pdbx_description
1 polymer 'Putative transcription antitermination protein nusG'
2 polymer "DNA-directed RNA polymerase subunit E''"
3 non-polymer 'ZINC ION'
4 water water
#
loop_
_entity_poly.entity_id
_entity_poly.type
_entity_poly.pdbx_seq_one_letter_code
_entity_poly.pdbx_strand_id
1 'polypeptide(L)'
;GSRRASVGAHMIFAVRTMVGQEKNIAGLMASRAEKEQLDVYSILASESLKGYVLVEAETKGDVEELIKGMPRVRGIVPGT
IAIEEIEPLLTP
;
A,C,E,G
2 'polypeptide(L)' MRACLKCKYLTNDEICPICHSPTSENWIGLLIVINPEKSEIAKKAGIDIKGKYALSVKE B,D,F,H
#
# COMPACT_ATOMS: atom_id res chain seq x y z
N ALA A 9 -29.41 -5.78 -18.70
CA ALA A 9 -29.15 -4.40 -19.11
C ALA A 9 -28.72 -4.37 -20.57
N HIS A 10 -28.36 -3.19 -21.07
CA HIS A 10 -27.90 -3.09 -22.45
C HIS A 10 -26.75 -2.10 -22.71
N MET A 11 -27.08 -0.85 -23.01
CA MET A 11 -26.14 0.00 -23.79
C MET A 11 -24.89 0.51 -23.07
N ILE A 12 -23.74 0.33 -23.74
CA ILE A 12 -22.49 0.89 -23.29
C ILE A 12 -21.84 1.60 -24.47
N PHE A 13 -21.32 2.80 -24.24
CA PHE A 13 -20.69 3.58 -25.34
C PHE A 13 -19.27 3.95 -24.96
N ALA A 14 -18.40 4.02 -25.96
CA ALA A 14 -17.06 4.56 -25.77
C ALA A 14 -17.07 6.06 -26.09
N VAL A 15 -16.63 6.87 -25.14
CA VAL A 15 -16.54 8.32 -25.31
C VAL A 15 -15.05 8.64 -25.49
N ARG A 16 -14.70 9.31 -26.57
CA ARG A 16 -13.29 9.62 -26.82
C ARG A 16 -12.86 10.84 -26.03
N THR A 17 -11.71 10.76 -25.36
CA THR A 17 -11.24 11.89 -24.61
C THR A 17 -9.81 12.17 -25.01
N MET A 18 -9.26 13.25 -24.46
CA MET A 18 -7.82 13.46 -24.53
C MET A 18 -7.08 12.40 -23.73
N VAL A 19 -5.97 11.96 -24.29
CA VAL A 19 -5.15 10.95 -23.65
C VAL A 19 -4.65 11.48 -22.33
N GLY A 20 -4.81 10.69 -21.27
CA GLY A 20 -4.35 11.13 -19.97
C GLY A 20 -5.41 11.84 -19.14
N GLN A 21 -6.53 12.19 -19.76
CA GLN A 21 -7.63 12.83 -19.05
C GLN A 21 -8.78 11.86 -18.73
N GLU A 22 -8.54 10.57 -18.85
CA GLU A 22 -9.62 9.61 -18.76
C GLU A 22 -10.31 9.63 -17.40
N LYS A 23 -9.53 9.46 -16.35
CA LYS A 23 -10.08 9.46 -14.98
C LYS A 23 -10.70 10.81 -14.63
N ASN A 24 -10.05 11.89 -15.03
CA ASN A 24 -10.59 13.22 -14.79
C ASN A 24 -11.97 13.34 -15.39
N ILE A 25 -12.12 12.90 -16.64
CA ILE A 25 -13.41 13.01 -17.30
C ILE A 25 -14.47 12.07 -16.69
N ALA A 26 -14.07 10.87 -16.30
CA ALA A 26 -14.97 9.94 -15.62
C ALA A 26 -15.56 10.62 -14.37
N GLY A 27 -14.71 11.36 -13.64
CA GLY A 27 -15.13 12.08 -12.45
C GLY A 27 -16.14 13.18 -12.71
N LEU A 28 -15.87 14.02 -13.70
CA LEU A 28 -16.81 15.05 -14.15
C LEU A 28 -18.11 14.43 -14.63
N MET A 29 -18.01 13.31 -15.33
CA MET A 29 -19.20 12.64 -15.83
C MET A 29 -20.08 12.19 -14.68
N ALA A 30 -19.49 11.57 -13.68
CA ALA A 30 -20.28 11.02 -12.57
C ALA A 30 -21.03 12.14 -11.86
N SER A 31 -20.33 13.25 -11.61
CA SER A 31 -20.95 14.41 -11.02
C SER A 31 -22.11 14.93 -11.86
N ARG A 32 -21.90 15.07 -13.17
CA ARG A 32 -22.96 15.57 -14.02
C ARG A 32 -24.15 14.61 -14.11
N ALA A 33 -23.86 13.33 -14.12
CA ALA A 33 -24.91 12.32 -14.22
C ALA A 33 -25.85 12.44 -13.00
N GLU A 34 -25.27 12.56 -11.81
CA GLU A 34 -26.06 12.69 -10.59
C GLU A 34 -26.82 13.99 -10.55
N LYS A 35 -26.11 15.10 -10.81
CA LYS A 35 -26.75 16.42 -10.80
C LYS A 35 -27.90 16.54 -11.80
N GLU A 36 -27.70 16.03 -13.02
CA GLU A 36 -28.71 16.16 -14.08
C GLU A 36 -29.68 14.98 -14.12
N GLN A 37 -29.50 14.04 -13.19
CA GLN A 37 -30.37 12.85 -13.11
C GLN A 37 -30.47 12.08 -14.43
N LEU A 38 -29.32 11.85 -15.05
CA LEU A 38 -29.25 11.09 -16.29
C LEU A 38 -29.24 9.60 -16.00
N ASP A 39 -29.76 8.80 -16.92
CA ASP A 39 -29.74 7.36 -16.76
C ASP A 39 -28.38 6.79 -17.15
N VAL A 40 -27.37 7.18 -16.40
CA VAL A 40 -26.01 6.67 -16.56
C VAL A 40 -25.72 5.80 -15.35
N TYR A 41 -25.30 4.56 -15.59
CA TYR A 41 -25.18 3.58 -14.52
C TYR A 41 -23.77 3.29 -14.06
N SER A 42 -22.82 3.39 -14.98
CA SER A 42 -21.42 3.22 -14.60
C SER A 42 -20.52 3.86 -15.63
N ILE A 43 -19.28 4.13 -15.23
CA ILE A 43 -18.29 4.80 -16.07
C ILE A 43 -16.99 4.08 -15.82
N LEU A 44 -16.31 3.67 -16.89
CA LEU A 44 -15.13 2.84 -16.71
C LEU A 44 -13.93 3.46 -17.46
N ALA A 45 -12.84 3.69 -16.74
CA ALA A 45 -11.62 4.22 -17.33
C ALA A 45 -10.51 3.24 -17.07
N SER A 46 -10.14 2.48 -18.10
CA SER A 46 -9.10 1.46 -18.01
C SER A 46 -7.76 1.98 -18.50
N GLU A 47 -6.69 1.65 -17.79
CA GLU A 47 -5.34 2.06 -18.17
C GLU A 47 -4.97 1.44 -19.50
N SER A 48 -5.63 0.35 -19.86
CA SER A 48 -5.25 -0.33 -21.08
C SER A 48 -6.06 0.22 -22.25
N LEU A 49 -6.80 1.29 -21.97
CA LEU A 49 -7.62 1.93 -22.99
C LEU A 49 -7.46 3.44 -22.96
N LYS A 50 -6.32 3.92 -23.42
CA LYS A 50 -6.03 5.35 -23.32
C LYS A 50 -6.84 6.16 -24.33
N GLY A 51 -7.32 7.34 -23.91
CA GLY A 51 -8.08 8.22 -24.76
C GLY A 51 -9.57 7.92 -24.85
N TYR A 52 -10.04 6.99 -24.03
CA TYR A 52 -11.47 6.62 -24.04
C TYR A 52 -12.00 6.34 -22.65
N VAL A 53 -13.25 6.66 -22.45
CA VAL A 53 -13.97 6.31 -21.22
C VAL A 53 -15.22 5.57 -21.68
N LEU A 54 -15.55 4.49 -20.99
CA LEU A 54 -16.72 3.69 -21.34
C LEU A 54 -17.88 4.09 -20.45
N VAL A 55 -19.06 4.32 -21.04
CA VAL A 55 -20.21 4.84 -20.29
C VAL A 55 -21.37 3.89 -20.51
N GLU A 56 -21.84 3.29 -19.42
CA GLU A 56 -23.02 2.43 -19.45
C GLU A 56 -24.27 3.29 -19.15
N ALA A 57 -25.20 3.31 -20.10
CA ALA A 57 -26.36 4.18 -20.01
C ALA A 57 -27.58 3.54 -20.66
N GLU A 58 -28.76 4.07 -20.36
CA GLU A 58 -30.00 3.54 -20.89
C GLU A 58 -30.13 3.82 -22.39
N THR A 59 -29.74 5.03 -22.80
CA THR A 59 -29.86 5.43 -24.20
C THR A 59 -28.64 6.21 -24.64
N LYS A 60 -28.45 6.33 -25.94
CA LYS A 60 -27.34 7.14 -26.45
C LYS A 60 -27.54 8.60 -26.06
N GLY A 61 -28.81 9.02 -26.06
CA GLY A 61 -29.16 10.37 -25.67
C GLY A 61 -28.67 10.75 -24.29
N ASP A 62 -28.68 9.79 -23.37
CA ASP A 62 -28.13 10.04 -22.03
C ASP A 62 -26.66 10.41 -22.12
N VAL A 63 -25.92 9.70 -22.97
CA VAL A 63 -24.50 9.95 -23.13
C VAL A 63 -24.25 11.29 -23.84
N GLU A 64 -25.10 11.62 -24.80
CA GLU A 64 -24.99 12.89 -25.49
C GLU A 64 -25.18 14.04 -24.51
N GLU A 65 -26.18 13.91 -23.64
CA GLU A 65 -26.43 14.96 -22.66
C GLU A 65 -25.31 15.00 -21.63
N LEU A 66 -24.79 13.82 -21.29
CA LEU A 66 -23.71 13.72 -20.32
C LEU A 66 -22.49 14.52 -20.77
N ILE A 67 -22.13 14.41 -22.05
CA ILE A 67 -20.87 14.99 -22.50
C ILE A 67 -21.08 16.39 -23.10
N LYS A 68 -22.34 16.80 -23.17
CA LYS A 68 -22.68 18.08 -23.78
C LYS A 68 -21.87 19.22 -23.18
N GLY A 69 -20.99 19.82 -23.99
CA GLY A 69 -20.21 20.98 -23.56
C GLY A 69 -19.08 20.65 -22.59
N MET A 70 -18.84 19.37 -22.35
CA MET A 70 -17.74 18.95 -21.50
C MET A 70 -16.37 19.15 -22.17
N PRO A 71 -15.45 19.86 -21.51
CA PRO A 71 -14.12 20.07 -22.11
C PRO A 71 -13.36 18.73 -22.25
N ARG A 72 -12.51 18.67 -23.26
CA ARG A 72 -11.54 17.59 -23.43
C ARG A 72 -12.19 16.27 -23.85
N VAL A 73 -13.45 16.37 -24.23
CA VAL A 73 -14.16 15.24 -24.84
C VAL A 73 -14.34 15.50 -26.35
N ARG A 74 -13.99 14.53 -27.16
CA ARG A 74 -14.08 14.68 -28.63
C ARG A 74 -15.38 14.18 -29.22
N GLY A 75 -16.00 13.19 -28.59
CA GLY A 75 -17.28 12.71 -29.06
C GLY A 75 -17.52 11.25 -28.67
N ILE A 76 -18.52 10.64 -29.28
CA ILE A 76 -18.89 9.25 -28.99
C ILE A 76 -18.55 8.34 -30.16
N VAL A 77 -17.89 7.23 -29.87
CA VAL A 77 -17.62 6.20 -30.86
C VAL A 77 -18.93 5.60 -31.33
N PRO A 78 -19.09 5.39 -32.65
CA PRO A 78 -20.34 4.85 -33.18
C PRO A 78 -20.57 3.40 -32.73
N GLY A 79 -21.80 3.09 -32.38
CA GLY A 79 -22.20 1.74 -32.03
C GLY A 79 -21.98 1.42 -30.57
N THR A 80 -22.75 0.48 -30.03
CA THR A 80 -22.58 0.08 -28.64
C THR A 80 -21.38 -0.83 -28.49
N ILE A 81 -20.95 -1.01 -27.25
CA ILE A 81 -19.89 -1.96 -26.92
C ILE A 81 -20.53 -3.13 -26.18
N ALA A 82 -20.28 -4.36 -26.65
CA ALA A 82 -20.80 -5.56 -25.98
C ALA A 82 -20.11 -5.82 -24.65
N ILE A 83 -20.86 -6.35 -23.69
CA ILE A 83 -20.33 -6.57 -22.35
C ILE A 83 -19.09 -7.48 -22.38
N GLU A 84 -19.08 -8.46 -23.28
CA GLU A 84 -17.93 -9.35 -23.41
C GLU A 84 -16.63 -8.65 -23.80
N GLU A 85 -16.72 -7.53 -24.51
CA GLU A 85 -15.51 -6.78 -24.89
C GLU A 85 -14.97 -5.96 -23.73
N ILE A 86 -15.80 -5.80 -22.70
CA ILE A 86 -15.44 -5.02 -21.53
C ILE A 86 -14.87 -5.87 -20.39
N GLU A 87 -15.37 -7.09 -20.22
CA GLU A 87 -14.98 -7.97 -19.12
C GLU A 87 -13.46 -8.11 -18.90
N PRO A 88 -12.68 -8.29 -19.98
CA PRO A 88 -11.23 -8.41 -19.79
C PRO A 88 -10.63 -7.16 -19.15
N LEU A 89 -11.27 -6.01 -19.34
CA LEU A 89 -10.81 -4.77 -18.72
C LEU A 89 -10.99 -4.76 -17.19
N LEU A 90 -11.92 -5.59 -16.71
CA LEU A 90 -12.27 -5.62 -15.28
C LEU A 90 -11.18 -6.21 -14.40
N THR A 91 -10.47 -7.20 -14.92
CA THR A 91 -9.30 -7.70 -14.22
C THR A 91 -8.07 -7.40 -15.05
N PRO A 92 -7.48 -6.21 -14.84
CA PRO A 92 -6.33 -5.72 -15.60
C PRO A 92 -5.23 -6.77 -15.82
N MET B 1 -5.46 9.61 -2.99
CA MET B 1 -6.58 8.66 -2.98
C MET B 1 -6.06 7.22 -2.90
N ARG B 2 -6.74 6.41 -2.08
CA ARG B 2 -6.33 5.05 -1.82
C ARG B 2 -7.45 4.12 -2.23
N ALA B 3 -7.15 2.83 -2.30
CA ALA B 3 -8.15 1.85 -2.69
C ALA B 3 -8.10 0.70 -1.69
N CYS B 4 -9.27 0.19 -1.31
CA CYS B 4 -9.33 -0.97 -0.44
C CYS B 4 -8.58 -2.14 -1.05
N LEU B 5 -7.72 -2.80 -0.26
CA LEU B 5 -6.95 -3.94 -0.77
C LEU B 5 -7.85 -5.14 -1.09
N LYS B 6 -9.03 -5.19 -0.49
CA LYS B 6 -9.95 -6.31 -0.68
C LYS B 6 -11.03 -6.05 -1.73
N CYS B 7 -11.72 -4.92 -1.61
CA CYS B 7 -12.87 -4.66 -2.47
C CYS B 7 -12.61 -3.49 -3.41
N LYS B 8 -11.45 -2.86 -3.29
CA LYS B 8 -11.03 -1.83 -4.29
C LYS B 8 -11.78 -0.50 -4.21
N TYR B 9 -12.67 -0.37 -3.22
CA TYR B 9 -13.34 0.90 -3.00
C TYR B 9 -12.33 2.04 -2.82
N LEU B 10 -12.60 3.15 -3.48
CA LEU B 10 -11.65 4.27 -3.43
C LEU B 10 -12.00 5.27 -2.36
N THR B 11 -10.99 5.66 -1.58
CA THR B 11 -11.18 6.59 -0.46
C THR B 11 -9.85 7.21 0.01
N ASN B 12 -9.93 8.36 0.66
CA ASN B 12 -8.75 8.92 1.30
C ASN B 12 -8.45 8.23 2.60
N ASP B 13 -9.45 7.50 3.12
CA ASP B 13 -9.33 6.79 4.39
C ASP B 13 -8.28 5.69 4.30
N GLU B 14 -7.52 5.47 5.36
CA GLU B 14 -6.61 4.34 5.45
C GLU B 14 -7.34 3.01 5.66
N ILE B 15 -8.65 3.08 5.92
CA ILE B 15 -9.43 1.89 6.22
C ILE B 15 -10.73 1.96 5.42
N CYS B 16 -11.11 0.86 4.78
CA CYS B 16 -12.26 0.83 3.90
C CYS B 16 -13.55 0.96 4.69
N PRO B 17 -14.40 1.90 4.30
CA PRO B 17 -15.68 2.14 4.99
C PRO B 17 -16.68 0.99 4.76
N ILE B 18 -16.43 0.19 3.74
CA ILE B 18 -17.30 -0.95 3.47
C ILE B 18 -16.90 -2.17 4.27
N CYS B 19 -15.65 -2.61 4.12
CA CYS B 19 -15.23 -3.92 4.61
C CYS B 19 -14.12 -3.88 5.68
N HIS B 20 -13.72 -2.67 6.08
CA HIS B 20 -12.76 -2.49 7.17
C HIS B 20 -11.32 -2.92 6.87
N SER B 21 -11.03 -3.28 5.63
CA SER B 21 -9.67 -3.70 5.32
C SER B 21 -8.77 -2.46 5.08
N PRO B 22 -7.45 -2.64 5.14
CA PRO B 22 -6.52 -1.54 4.84
C PRO B 22 -6.67 -1.08 3.40
N THR B 23 -6.36 0.19 3.13
CA THR B 23 -6.39 0.71 1.78
C THR B 23 -4.97 0.99 1.34
N SER B 24 -4.75 1.15 0.04
CA SER B 24 -3.41 1.36 -0.50
C SER B 24 -3.44 2.43 -1.59
N GLU B 25 -2.35 3.20 -1.68
CA GLU B 25 -2.23 4.19 -2.74
C GLU B 25 -1.88 3.53 -4.07
N ASN B 26 -1.49 2.28 -4.02
CA ASN B 26 -1.00 1.59 -5.22
C ASN B 26 -2.12 0.87 -5.96
N TRP B 27 -2.91 1.62 -6.72
CA TRP B 27 -4.07 1.09 -7.40
C TRP B 27 -4.11 1.61 -8.83
N ILE B 28 -4.83 0.89 -9.67
CA ILE B 28 -4.89 1.13 -11.11
C ILE B 28 -6.29 0.94 -11.65
N GLY B 29 -6.71 1.85 -12.53
CA GLY B 29 -7.96 1.72 -13.22
C GLY B 29 -9.06 2.36 -12.42
N LEU B 30 -10.14 2.76 -13.07
CA LEU B 30 -11.24 3.43 -12.38
C LEU B 30 -12.58 2.94 -12.89
N LEU B 31 -13.42 2.46 -11.97
CA LEU B 31 -14.80 2.07 -12.29
C LEU B 31 -15.71 2.81 -11.33
N ILE B 32 -16.53 3.71 -11.87
CA ILE B 32 -17.43 4.48 -11.05
C ILE B 32 -18.80 3.87 -11.23
N VAL B 33 -19.34 3.30 -10.14
CA VAL B 33 -20.66 2.72 -10.18
C VAL B 33 -21.67 3.70 -9.62
N ILE B 34 -22.55 4.20 -10.48
CA ILE B 34 -23.54 5.16 -10.06
C ILE B 34 -24.81 4.44 -9.61
N ASN B 35 -25.19 3.40 -10.34
CA ASN B 35 -26.39 2.61 -10.02
C ASN B 35 -26.09 1.11 -10.11
N PRO B 36 -25.74 0.51 -8.96
CA PRO B 36 -25.32 -0.90 -8.89
C PRO B 36 -26.44 -1.80 -9.36
N GLU B 37 -27.67 -1.47 -8.99
CA GLU B 37 -28.81 -2.31 -9.34
C GLU B 37 -29.00 -2.42 -10.85
N LYS B 38 -28.71 -1.34 -11.57
CA LYS B 38 -28.97 -1.35 -13.00
C LYS B 38 -27.72 -1.53 -13.85
N SER B 39 -26.55 -1.55 -13.22
CA SER B 39 -25.30 -1.68 -13.97
C SER B 39 -24.87 -3.15 -14.20
N GLU B 40 -24.82 -3.56 -15.46
CA GLU B 40 -24.33 -4.87 -15.82
C GLU B 40 -22.82 -4.95 -15.55
N ILE B 41 -22.09 -3.87 -15.81
CA ILE B 41 -20.65 -3.86 -15.50
C ILE B 41 -20.38 -4.03 -13.99
N ALA B 42 -21.13 -3.33 -13.14
CA ALA B 42 -20.96 -3.49 -11.69
C ALA B 42 -21.16 -4.96 -11.31
N LYS B 43 -22.19 -5.59 -11.85
CA LYS B 43 -22.46 -6.99 -11.56
C LYS B 43 -21.28 -7.87 -11.98
N LYS B 44 -20.73 -7.64 -13.16
CA LYS B 44 -19.58 -8.43 -13.59
C LYS B 44 -18.39 -8.18 -12.69
N ALA B 45 -18.32 -6.97 -12.12
CA ALA B 45 -17.20 -6.62 -11.24
C ALA B 45 -17.42 -7.04 -9.78
N GLY B 46 -18.57 -7.64 -9.49
CA GLY B 46 -18.95 -8.02 -8.15
C GLY B 46 -19.21 -6.84 -7.23
N ILE B 47 -19.68 -5.73 -7.81
CA ILE B 47 -19.93 -4.54 -7.02
C ILE B 47 -21.43 -4.36 -6.80
N ASP B 48 -21.87 -4.24 -5.55
CA ASP B 48 -23.29 -4.05 -5.30
C ASP B 48 -23.62 -2.80 -4.49
N ILE B 49 -22.61 -1.94 -4.27
CA ILE B 49 -22.87 -0.65 -3.66
C ILE B 49 -22.21 0.49 -4.43
N LYS B 50 -22.94 1.58 -4.59
CA LYS B 50 -22.44 2.71 -5.39
C LYS B 50 -21.13 3.27 -4.85
N GLY B 51 -20.30 3.78 -5.74
CA GLY B 51 -19.03 4.35 -5.34
C GLY B 51 -18.03 4.27 -6.48
N LYS B 52 -16.81 4.67 -6.20
CA LYS B 52 -15.77 4.57 -7.18
C LYS B 52 -14.83 3.47 -6.72
N TYR B 53 -14.34 2.67 -7.67
CA TYR B 53 -13.48 1.53 -7.40
C TYR B 53 -12.27 1.50 -8.34
N ALA B 54 -11.16 0.99 -7.83
CA ALA B 54 -9.98 0.75 -8.67
C ALA B 54 -10.23 -0.53 -9.43
N LEU B 55 -9.50 -0.79 -10.52
CA LEU B 55 -9.62 -2.07 -11.21
C LEU B 55 -8.68 -3.12 -10.64
N SER B 56 -7.56 -2.66 -10.10
CA SER B 56 -6.64 -3.55 -9.41
C SER B 56 -5.88 -2.77 -8.34
N VAL B 57 -5.46 -3.47 -7.30
CA VAL B 57 -4.80 -2.84 -6.17
C VAL B 57 -3.73 -3.77 -5.65
N LYS B 58 -2.67 -3.17 -5.13
CA LYS B 58 -1.61 -3.92 -4.46
C LYS B 58 -1.06 -3.10 -3.31
N GLU B 59 -0.39 -3.77 -2.37
CA GLU B 59 0.22 -3.07 -1.25
C GLU B 59 1.36 -2.17 -1.70
N ALA C 9 7.45 -27.50 -16.51
CA ALA C 9 6.59 -26.69 -15.66
C ALA C 9 7.16 -25.30 -15.52
N HIS C 10 6.52 -24.46 -14.70
CA HIS C 10 7.05 -23.12 -14.48
C HIS C 10 6.91 -22.54 -13.06
N MET C 11 5.81 -21.85 -12.77
CA MET C 11 5.80 -20.88 -11.68
C MET C 11 5.87 -21.40 -10.25
N ILE C 12 6.82 -20.84 -9.49
CA ILE C 12 6.94 -21.06 -8.05
C ILE C 12 7.02 -19.72 -7.33
N PHE C 13 6.26 -19.60 -6.23
CA PHE C 13 6.20 -18.33 -5.50
C PHE C 13 6.55 -18.54 -4.04
N ALA C 14 7.22 -17.57 -3.43
CA ALA C 14 7.43 -17.62 -2.00
C ALA C 14 6.29 -16.85 -1.32
N VAL C 15 5.64 -17.50 -0.36
CA VAL C 15 4.59 -16.87 0.42
C VAL C 15 5.16 -16.62 1.81
N ARG C 16 5.10 -15.37 2.27
CA ARG C 16 5.63 -15.04 3.58
C ARG C 16 4.65 -15.41 4.69
N THR C 17 5.14 -16.05 5.73
CA THR C 17 4.28 -16.46 6.83
C THR C 17 4.91 -16.02 8.13
N MET C 18 4.20 -16.21 9.23
CA MET C 18 4.81 -16.02 10.52
C MET C 18 5.86 -17.09 10.75
N VAL C 19 6.98 -16.68 11.32
CA VAL C 19 8.04 -17.61 11.66
C VAL C 19 7.54 -18.70 12.61
N GLY C 20 7.80 -19.95 12.24
CA GLY C 20 7.38 -21.06 13.08
C GLY C 20 6.04 -21.64 12.67
N GLN C 21 5.32 -20.95 11.77
CA GLN C 21 4.04 -21.44 11.26
C GLN C 21 4.13 -22.05 9.86
N GLU C 22 5.34 -22.31 9.39
CA GLU C 22 5.52 -22.73 8.00
C GLU C 22 4.81 -24.03 7.67
N LYS C 23 5.07 -25.06 8.46
CA LYS C 23 4.45 -26.36 8.20
C LYS C 23 2.95 -26.30 8.38
N ASN C 24 2.50 -25.60 9.43
CA ASN C 24 1.07 -25.42 9.66
C ASN C 24 0.38 -24.82 8.44
N ILE C 25 0.99 -23.78 7.88
CA ILE C 25 0.37 -23.11 6.75
C ILE C 25 0.42 -23.99 5.50
N ALA C 26 1.51 -24.72 5.32
CA ALA C 26 1.59 -25.64 4.18
C ALA C 26 0.42 -26.64 4.22
N GLY C 27 0.09 -27.09 5.42
CA GLY C 27 -1.01 -28.03 5.62
C GLY C 27 -2.36 -27.44 5.28
N LEU C 28 -2.62 -26.22 5.76
CA LEU C 28 -3.85 -25.50 5.43
C LEU C 28 -3.93 -25.25 3.93
N MET C 29 -2.79 -24.91 3.32
CA MET C 29 -2.73 -24.65 1.89
C MET C 29 -3.10 -25.87 1.08
N ALA C 30 -2.53 -27.01 1.43
CA ALA C 30 -2.81 -28.25 0.70
C ALA C 30 -4.31 -28.57 0.75
N SER C 31 -4.89 -28.51 1.94
CA SER C 31 -6.34 -28.70 2.11
C SER C 31 -7.16 -27.74 1.24
N ARG C 32 -6.86 -26.45 1.29
CA ARG C 32 -7.62 -25.49 0.49
C ARG C 32 -7.42 -25.70 -1.02
N ALA C 33 -6.19 -26.03 -1.43
CA ALA C 33 -5.93 -26.28 -2.86
C ALA C 33 -6.83 -27.40 -3.39
N GLU C 34 -6.91 -28.50 -2.64
CA GLU C 34 -7.74 -29.63 -3.06
C GLU C 34 -9.23 -29.27 -3.04
N LYS C 35 -9.69 -28.72 -1.92
CA LYS C 35 -11.08 -28.30 -1.79
C LYS C 35 -11.53 -27.32 -2.87
N GLU C 36 -10.71 -26.31 -3.16
CA GLU C 36 -11.07 -25.27 -4.13
C GLU C 36 -10.62 -25.61 -5.55
N GLN C 37 -10.00 -26.78 -5.71
CA GLN C 37 -9.54 -27.20 -7.03
C GLN C 37 -8.63 -26.18 -7.70
N LEU C 38 -7.65 -25.68 -6.96
CA LEU C 38 -6.70 -24.71 -7.50
C LEU C 38 -5.55 -25.42 -8.18
N ASP C 39 -4.95 -24.76 -9.17
CA ASP C 39 -3.82 -25.37 -9.87
C ASP C 39 -2.54 -25.17 -9.07
N VAL C 40 -2.50 -25.80 -7.90
CA VAL C 40 -1.36 -25.78 -7.02
C VAL C 40 -0.81 -27.19 -6.98
N TYR C 41 0.48 -27.34 -7.27
CA TYR C 41 1.04 -28.65 -7.54
C TYR C 41 1.91 -29.18 -6.41
N SER C 42 2.59 -28.27 -5.72
CA SER C 42 3.38 -28.64 -4.55
C SER C 42 3.59 -27.45 -3.63
N ILE C 43 3.89 -27.74 -2.37
CA ILE C 43 4.12 -26.76 -1.35
C ILE C 43 5.32 -27.24 -0.57
N LEU C 44 6.27 -26.34 -0.34
CA LEU C 44 7.54 -26.72 0.28
C LEU C 44 7.86 -25.82 1.48
N ALA C 45 8.07 -26.45 2.64
CA ALA C 45 8.44 -25.73 3.84
C ALA C 45 9.77 -26.27 4.33
N SER C 46 10.83 -25.50 4.09
CA SER C 46 12.20 -25.91 4.48
C SER C 46 12.59 -25.28 5.80
N GLU C 47 13.23 -26.07 6.66
CA GLU C 47 13.72 -25.57 7.93
C GLU C 47 14.76 -24.48 7.73
N SER C 48 15.37 -24.45 6.56
CA SER C 48 16.46 -23.49 6.33
C SER C 48 15.86 -22.22 5.72
N LEU C 49 14.54 -22.17 5.67
CA LEU C 49 13.85 -21.00 5.15
C LEU C 49 12.71 -20.59 6.06
N LYS C 50 13.03 -19.95 7.19
CA LYS C 50 12.01 -19.63 8.17
C LYS C 50 11.16 -18.44 7.72
N GLY C 51 9.86 -18.53 7.95
CA GLY C 51 8.93 -17.44 7.64
C GLY C 51 8.44 -17.42 6.20
N TYR C 52 8.72 -18.49 5.46
CA TYR C 52 8.28 -18.60 4.08
C TYR C 52 7.89 -20.02 3.73
N VAL C 53 6.89 -20.14 2.88
CA VAL C 53 6.50 -21.40 2.26
C VAL C 53 6.56 -21.21 0.75
N LEU C 54 7.13 -22.17 0.04
CA LEU C 54 7.21 -22.11 -1.42
C LEU C 54 6.02 -22.82 -2.04
N VAL C 55 5.37 -22.17 -3.00
CA VAL C 55 4.16 -22.73 -3.62
C VAL C 55 4.34 -22.82 -5.13
N GLU C 56 4.33 -24.05 -5.64
CA GLU C 56 4.40 -24.30 -7.08
C GLU C 56 2.98 -24.34 -7.65
N ALA C 57 2.71 -23.45 -8.59
CA ALA C 57 1.35 -23.28 -9.12
C ALA C 57 1.40 -22.82 -10.58
N GLU C 58 0.27 -22.97 -11.26
CA GLU C 58 0.18 -22.59 -12.68
C GLU C 58 0.26 -21.09 -12.87
N THR C 59 -0.39 -20.34 -11.98
CA THR C 59 -0.43 -18.88 -12.13
C THR C 59 -0.31 -18.22 -10.78
N LYS C 60 0.03 -16.93 -10.78
CA LYS C 60 0.09 -16.21 -9.52
C LYS C 60 -1.31 -16.13 -8.88
N GLY C 61 -2.31 -16.04 -9.73
CA GLY C 61 -3.70 -15.98 -9.29
C GLY C 61 -4.10 -17.18 -8.45
N ASP C 62 -3.57 -18.35 -8.79
CA ASP C 62 -3.81 -19.54 -7.98
C ASP C 62 -3.31 -19.34 -6.56
N VAL C 63 -2.12 -18.74 -6.43
CA VAL C 63 -1.53 -18.50 -5.13
C VAL C 63 -2.30 -17.43 -4.36
N GLU C 64 -2.78 -16.41 -5.08
CA GLU C 64 -3.56 -15.37 -4.47
C GLU C 64 -4.85 -15.95 -3.89
N GLU C 65 -5.50 -16.84 -4.64
CA GLU C 65 -6.73 -17.47 -4.18
C GLU C 65 -6.43 -18.44 -3.04
N LEU C 66 -5.27 -19.07 -3.12
CA LEU C 66 -4.85 -20.02 -2.12
C LEU C 66 -4.72 -19.36 -0.75
N ILE C 67 -4.11 -18.19 -0.70
CA ILE C 67 -3.84 -17.55 0.59
C ILE C 67 -4.93 -16.57 1.01
N LYS C 68 -5.89 -16.35 0.13
CA LYS C 68 -6.96 -15.39 0.37
C LYS C 68 -7.62 -15.63 1.74
N GLY C 69 -7.44 -14.69 2.66
CA GLY C 69 -8.08 -14.79 3.97
C GLY C 69 -7.45 -15.78 4.93
N MET C 70 -6.31 -16.34 4.55
CA MET C 70 -5.63 -17.31 5.41
C MET C 70 -4.91 -16.60 6.55
N PRO C 71 -5.18 -17.03 7.80
CA PRO C 71 -4.48 -16.39 8.93
C PRO C 71 -2.96 -16.64 8.90
N ARG C 72 -2.20 -15.69 9.43
CA ARG C 72 -0.77 -15.83 9.66
C ARG C 72 0.05 -15.86 8.36
N VAL C 73 -0.61 -15.48 7.27
CA VAL C 73 0.09 -15.25 6.00
C VAL C 73 0.14 -13.76 5.72
N ARG C 74 1.33 -13.25 5.37
CA ARG C 74 1.53 -11.82 5.18
C ARG C 74 1.38 -11.41 3.72
N GLY C 75 1.69 -12.31 2.79
CA GLY C 75 1.55 -12.01 1.38
C GLY C 75 2.53 -12.79 0.52
N ILE C 76 2.65 -12.40 -0.74
CA ILE C 76 3.50 -13.10 -1.69
C ILE C 76 4.72 -12.26 -2.06
N VAL C 77 5.90 -12.88 -2.03
CA VAL C 77 7.14 -12.23 -2.45
C VAL C 77 7.05 -11.97 -3.97
N PRO C 78 7.41 -10.76 -4.41
CA PRO C 78 7.32 -10.43 -5.84
C PRO C 78 8.26 -11.31 -6.68
N GLY C 79 7.79 -11.71 -7.86
CA GLY C 79 8.59 -12.47 -8.80
C GLY C 79 8.58 -13.97 -8.55
N THR C 80 8.81 -14.76 -9.57
CA THR C 80 8.87 -16.21 -9.39
C THR C 80 10.22 -16.62 -8.82
N ILE C 81 10.26 -17.82 -8.28
CA ILE C 81 11.51 -18.45 -7.86
C ILE C 81 11.92 -19.51 -8.88
N ALA C 82 13.17 -19.45 -9.34
CA ALA C 82 13.70 -20.45 -10.28
C ALA C 82 13.93 -21.79 -9.60
N ILE C 83 13.71 -22.87 -10.34
CA ILE C 83 13.85 -24.23 -9.80
C ILE C 83 15.25 -24.45 -9.20
N GLU C 84 16.28 -23.88 -9.83
CA GLU C 84 17.65 -24.03 -9.33
C GLU C 84 17.85 -23.47 -7.93
N GLU C 85 17.09 -22.43 -7.58
CA GLU C 85 17.21 -21.83 -6.25
C GLU C 85 16.55 -22.69 -5.18
N ILE C 86 15.74 -23.65 -5.62
CA ILE C 86 15.00 -24.53 -4.74
C ILE C 86 15.70 -25.88 -4.50
N GLU C 87 16.39 -26.38 -5.52
CA GLU C 87 17.02 -27.69 -5.45
C GLU C 87 17.88 -27.95 -4.21
N PRO C 88 18.69 -26.95 -3.79
CA PRO C 88 19.52 -27.17 -2.60
C PRO C 88 18.66 -27.42 -1.36
N LEU C 89 17.42 -26.92 -1.36
CA LEU C 89 16.52 -27.13 -0.23
C LEU C 89 16.01 -28.57 -0.15
N LEU C 90 16.12 -29.30 -1.25
CA LEU C 90 15.57 -30.65 -1.36
C LEU C 90 16.37 -31.68 -0.58
N THR C 91 17.68 -31.49 -0.55
CA THR C 91 18.53 -32.30 0.30
C THR C 91 19.15 -31.41 1.36
N PRO C 92 18.45 -31.25 2.49
CA PRO C 92 18.85 -30.37 3.60
C PRO C 92 20.34 -30.46 3.97
N MET D 1 3.77 -37.97 14.01
CA MET D 1 3.95 -38.24 12.58
C MET D 1 5.36 -38.74 12.33
N ARG D 2 5.48 -39.76 11.48
CA ARG D 2 6.76 -40.39 11.18
C ARG D 2 7.02 -40.27 9.69
N ALA D 3 8.26 -40.55 9.28
CA ALA D 3 8.63 -40.45 7.87
C ALA D 3 9.39 -41.68 7.47
N CYS D 4 9.10 -42.19 6.27
CA CYS D 4 9.81 -43.37 5.79
C CYS D 4 11.30 -43.12 5.76
N LEU D 5 12.10 -44.04 6.27
CA LEU D 5 13.56 -43.88 6.28
C LEU D 5 14.15 -43.88 4.85
N LYS D 6 13.40 -44.45 3.91
CA LYS D 6 13.90 -44.64 2.55
C LYS D 6 13.38 -43.59 1.59
N CYS D 7 12.05 -43.40 1.57
CA CYS D 7 11.44 -42.49 0.61
C CYS D 7 10.83 -41.23 1.25
N LYS D 8 10.91 -41.14 2.58
CA LYS D 8 10.51 -39.94 3.29
C LYS D 8 9.01 -39.65 3.35
N TYR D 9 8.20 -40.59 2.85
CA TYR D 9 6.75 -40.45 2.94
C TYR D 9 6.33 -40.28 4.39
N LEU D 10 5.42 -39.34 4.64
CA LEU D 10 4.98 -39.05 6.02
C LEU D 10 3.75 -39.84 6.41
N THR D 11 3.80 -40.49 7.56
CA THR D 11 2.67 -41.29 8.04
C THR D 11 2.75 -41.58 9.53
N ASN D 12 1.61 -41.87 10.15
CA ASN D 12 1.61 -42.28 11.55
C ASN D 12 1.99 -43.74 11.66
N ASP D 13 1.95 -44.44 10.54
CA ASP D 13 2.31 -45.85 10.45
C ASP D 13 3.79 -46.08 10.74
N GLU D 14 4.11 -47.17 11.44
CA GLU D 14 5.51 -47.55 11.67
C GLU D 14 6.17 -48.16 10.44
N ILE D 15 5.36 -48.39 9.41
CA ILE D 15 5.83 -49.00 8.17
C ILE D 15 5.29 -48.21 6.99
N CYS D 16 6.17 -47.86 6.07
CA CYS D 16 5.77 -47.07 4.89
C CYS D 16 4.81 -47.82 3.99
N PRO D 17 3.66 -47.19 3.71
CA PRO D 17 2.65 -47.78 2.83
C PRO D 17 3.11 -47.87 1.37
N ILE D 18 4.12 -47.10 0.99
CA ILE D 18 4.65 -47.18 -0.37
C ILE D 18 5.67 -48.32 -0.52
N CYS D 19 6.75 -48.24 0.26
CA CYS D 19 7.91 -49.11 0.06
C CYS D 19 8.20 -50.09 1.20
N HIS D 20 7.35 -50.11 2.22
CA HIS D 20 7.43 -51.12 3.29
C HIS D 20 8.62 -50.96 4.25
N SER D 21 9.38 -49.87 4.10
CA SER D 21 10.50 -49.69 5.00
C SER D 21 10.02 -49.09 6.32
N PRO D 22 10.82 -49.19 7.38
CA PRO D 22 10.50 -48.60 8.69
C PRO D 22 10.39 -47.08 8.58
N THR D 23 9.61 -46.47 9.46
CA THR D 23 9.46 -45.03 9.49
C THR D 23 10.09 -44.52 10.76
N SER D 24 10.36 -43.23 10.80
CA SER D 24 11.01 -42.65 11.97
C SER D 24 10.40 -41.31 12.34
N GLU D 25 10.37 -40.99 13.63
CA GLU D 25 9.87 -39.71 14.07
C GLU D 25 10.88 -38.59 13.83
N ASN D 26 12.12 -38.98 13.55
CA ASN D 26 13.21 -38.02 13.45
C ASN D 26 13.39 -37.49 12.03
N TRP D 27 12.49 -36.60 11.60
CA TRP D 27 12.50 -36.09 10.24
C TRP D 27 12.41 -34.59 10.24
N ILE D 28 12.78 -33.99 9.10
CA ILE D 28 12.89 -32.56 8.98
C ILE D 28 12.43 -32.08 7.62
N GLY D 29 11.75 -30.95 7.59
CA GLY D 29 11.31 -30.35 6.35
C GLY D 29 10.02 -30.97 5.86
N LEU D 30 9.28 -30.22 5.05
CA LEU D 30 8.00 -30.70 4.55
C LEU D 30 7.81 -30.37 3.06
N LEU D 31 7.55 -31.40 2.27
CA LEU D 31 7.22 -31.22 0.86
C LEU D 31 5.90 -31.94 0.60
N ILE D 32 4.88 -31.15 0.32
CA ILE D 32 3.57 -31.73 0.01
C ILE D 32 3.43 -31.73 -1.48
N VAL D 33 3.35 -32.91 -2.05
CA VAL D 33 3.12 -33.05 -3.48
C VAL D 33 1.64 -33.33 -3.74
N ILE D 34 0.98 -32.37 -4.38
CA ILE D 34 -0.43 -32.52 -4.70
C ILE D 34 -0.61 -33.18 -6.07
N ASN D 35 0.21 -32.74 -7.03
CA ASN D 35 0.16 -33.29 -8.38
C ASN D 35 1.56 -33.63 -8.87
N PRO D 36 1.97 -34.90 -8.69
CA PRO D 36 3.32 -35.37 -9.05
C PRO D 36 3.57 -35.16 -10.54
N GLU D 37 2.56 -35.44 -11.35
CA GLU D 37 2.73 -35.35 -12.80
C GLU D 37 3.10 -33.93 -13.26
N LYS D 38 2.53 -32.93 -12.60
CA LYS D 38 2.74 -31.55 -13.03
C LYS D 38 3.75 -30.79 -12.16
N SER D 39 4.23 -31.42 -11.10
CA SER D 39 5.17 -30.74 -10.22
C SER D 39 6.64 -30.93 -10.62
N GLU D 40 7.30 -29.84 -10.99
CA GLU D 40 8.72 -29.87 -11.29
C GLU D 40 9.53 -30.12 -10.02
N ILE D 41 9.08 -29.60 -8.87
CA ILE D 41 9.74 -29.85 -7.59
C ILE D 41 9.67 -31.33 -7.21
N ALA D 42 8.50 -31.95 -7.35
CA ALA D 42 8.36 -33.39 -7.09
C ALA D 42 9.38 -34.17 -7.94
N LYS D 43 9.47 -33.81 -9.22
CA LYS D 43 10.41 -34.49 -10.10
C LYS D 43 11.85 -34.36 -9.61
N LYS D 44 12.24 -33.16 -9.22
CA LYS D 44 13.60 -32.98 -8.72
C LYS D 44 13.81 -33.78 -7.44
N ALA D 45 12.74 -33.96 -6.66
CA ALA D 45 12.82 -34.68 -5.39
C ALA D 45 12.70 -36.19 -5.58
N GLY D 46 12.52 -36.63 -6.82
CA GLY D 46 12.32 -38.05 -7.11
C GLY D 46 11.00 -38.59 -6.59
N ILE D 47 9.99 -37.73 -6.49
CA ILE D 47 8.67 -38.13 -6.02
C ILE D 47 7.69 -38.29 -7.18
N ASP D 48 7.04 -39.46 -7.30
CA ASP D 48 6.09 -39.68 -8.37
C ASP D 48 4.72 -40.11 -7.89
N ILE D 49 4.50 -40.08 -6.58
CA ILE D 49 3.16 -40.32 -6.05
C ILE D 49 2.75 -39.25 -5.03
N LYS D 50 1.51 -38.78 -5.12
CA LYS D 50 1.07 -37.70 -4.27
C LYS D 50 1.12 -38.05 -2.78
N GLY D 51 1.36 -37.04 -1.95
CA GLY D 51 1.47 -37.24 -0.53
C GLY D 51 2.34 -36.19 0.13
N LYS D 52 2.61 -36.35 1.42
CA LYS D 52 3.47 -35.42 2.12
C LYS D 52 4.76 -36.15 2.43
N TYR D 53 5.87 -35.44 2.27
CA TYR D 53 7.21 -36.01 2.45
C TYR D 53 8.10 -35.14 3.33
N ALA D 54 8.95 -35.78 4.13
CA ALA D 54 9.98 -35.04 4.84
C ALA D 54 11.09 -34.69 3.85
N LEU D 55 11.93 -33.71 4.17
CA LEU D 55 13.07 -33.40 3.32
C LEU D 55 14.29 -34.23 3.70
N SER D 56 14.41 -34.55 4.98
CA SER D 56 15.46 -35.47 5.43
C SER D 56 14.96 -36.29 6.62
N VAL D 57 15.47 -37.51 6.73
CA VAL D 57 15.05 -38.41 7.80
C VAL D 57 16.26 -39.15 8.35
N LYS D 58 16.23 -39.42 9.65
CA LYS D 58 17.23 -40.27 10.30
C LYS D 58 16.57 -41.15 11.35
N GLU D 59 17.24 -42.23 11.71
CA GLU D 59 16.71 -43.13 12.73
C GLU D 59 16.67 -42.43 14.08
N ALA E 9 12.52 3.67 16.77
CA ALA E 9 12.32 3.69 15.32
C ALA E 9 11.31 2.63 14.93
N HIS E 10 11.07 2.46 13.63
CA HIS E 10 10.17 1.42 13.17
C HIS E 10 10.57 0.69 11.88
N MET E 11 10.12 1.19 10.73
CA MET E 11 9.99 0.31 9.55
C MET E 11 11.26 -0.19 8.87
N ILE E 12 11.27 -1.49 8.61
CA ILE E 12 12.33 -2.13 7.84
C ILE E 12 11.67 -3.03 6.81
N PHE E 13 12.16 -2.98 5.58
CA PHE E 13 11.58 -3.76 4.49
C PHE E 13 12.63 -4.60 3.79
N ALA E 14 12.23 -5.77 3.31
CA ALA E 14 13.14 -6.58 2.50
C ALA E 14 12.89 -6.27 1.02
N VAL E 15 13.94 -5.90 0.29
CA VAL E 15 13.84 -5.60 -1.15
C VAL E 15 14.50 -6.76 -1.89
N ARG E 16 13.76 -7.42 -2.77
CA ARG E 16 14.31 -8.58 -3.45
C ARG E 16 15.18 -8.15 -4.60
N THR E 17 16.35 -8.76 -4.72
CA THR E 17 17.28 -8.41 -5.79
C THR E 17 17.73 -9.66 -6.51
N MET E 18 18.49 -9.48 -7.57
CA MET E 18 19.17 -10.61 -8.17
C MET E 18 20.24 -11.12 -7.24
N VAL E 19 20.34 -12.45 -7.17
CA VAL E 19 21.32 -13.10 -6.33
C VAL E 19 22.72 -12.69 -6.76
N GLY E 20 23.53 -12.28 -5.79
CA GLY E 20 24.87 -11.84 -6.07
C GLY E 20 25.01 -10.35 -6.33
N GLN E 21 23.88 -9.65 -6.50
CA GLN E 21 23.90 -8.20 -6.70
C GLN E 21 23.57 -7.42 -5.42
N GLU E 22 23.57 -8.10 -4.28
CA GLU E 22 23.09 -7.46 -3.04
C GLU E 22 23.89 -6.22 -2.64
N LYS E 23 25.20 -6.37 -2.53
CA LYS E 23 26.05 -5.23 -2.16
C LYS E 23 26.01 -4.13 -3.20
N ASN E 24 26.04 -4.51 -4.47
CA ASN E 24 25.96 -3.54 -5.55
C ASN E 24 24.71 -2.70 -5.39
N ILE E 25 23.58 -3.36 -5.15
CA ILE E 25 22.33 -2.64 -5.05
C ILE E 25 22.29 -1.77 -3.79
N ALA E 26 22.83 -2.27 -2.69
CA ALA E 26 22.89 -1.47 -1.47
C ALA E 26 23.66 -0.17 -1.73
N GLY E 27 24.72 -0.24 -2.52
CA GLY E 27 25.51 0.92 -2.87
C GLY E 27 24.76 1.93 -3.71
N LEU E 28 24.05 1.46 -4.74
CA LEU E 28 23.19 2.32 -5.54
C LEU E 28 22.08 2.94 -4.71
N MET E 29 21.52 2.16 -3.80
CA MET E 29 20.48 2.66 -2.90
C MET E 29 20.98 3.81 -2.04
N ALA E 30 22.16 3.63 -1.45
CA ALA E 30 22.68 4.65 -0.54
C ALA E 30 22.88 5.98 -1.28
N SER E 31 23.46 5.90 -2.47
CA SER E 31 23.63 7.07 -3.32
C SER E 31 22.30 7.74 -3.64
N ARG E 32 21.32 6.95 -4.06
CA ARG E 32 20.04 7.53 -4.42
C ARG E 32 19.32 8.13 -3.20
N ALA E 33 19.47 7.50 -2.04
CA ALA E 33 18.82 7.99 -0.82
C ALA E 33 19.32 9.38 -0.49
N GLU E 34 20.64 9.55 -0.58
CA GLU E 34 21.26 10.84 -0.25
C GLU E 34 20.88 11.89 -1.29
N LYS E 35 21.07 11.55 -2.57
CA LYS E 35 20.74 12.48 -3.64
C LYS E 35 19.28 12.92 -3.62
N GLU E 36 18.35 11.99 -3.40
CA GLU E 36 16.92 12.30 -3.44
C GLU E 36 16.36 12.66 -2.08
N GLN E 37 17.23 12.69 -1.07
CA GLN E 37 16.83 13.09 0.29
C GLN E 37 15.67 12.25 0.82
N LEU E 38 15.77 10.93 0.66
CA LEU E 38 14.74 10.02 1.14
C LEU E 38 14.99 9.70 2.60
N ASP E 39 13.91 9.41 3.33
CA ASP E 39 14.07 9.04 4.73
C ASP E 39 14.44 7.58 4.84
N VAL E 40 15.64 7.26 4.36
CA VAL E 40 16.20 5.93 4.43
C VAL E 40 17.38 6.03 5.37
N TYR E 41 17.39 5.16 6.37
CA TYR E 41 18.34 5.33 7.46
C TYR E 41 19.48 4.33 7.45
N SER E 42 19.21 3.12 6.97
CA SER E 42 20.27 2.13 6.82
C SER E 42 19.88 1.07 5.79
N ILE E 43 20.88 0.35 5.33
CA ILE E 43 20.72 -0.64 4.28
C ILE E 43 21.63 -1.78 4.68
N LEU E 44 21.11 -3.00 4.65
CA LEU E 44 21.86 -4.13 5.16
C LEU E 44 21.86 -5.26 4.13
N ALA E 45 23.05 -5.71 3.76
CA ALA E 45 23.19 -6.83 2.84
C ALA E 45 24.01 -7.90 3.53
N SER E 46 23.33 -8.95 3.98
CA SER E 46 23.96 -10.05 4.69
C SER E 46 24.24 -11.21 3.75
N GLU E 47 25.41 -11.83 3.92
CA GLU E 47 25.80 -12.98 3.10
C GLU E 47 24.87 -14.15 3.37
N SER E 48 24.19 -14.12 4.51
CA SER E 48 23.35 -15.26 4.86
C SER E 48 21.94 -15.00 4.36
N LEU E 49 21.80 -13.94 3.58
CA LEU E 49 20.52 -13.60 2.99
C LEU E 49 20.65 -13.25 1.51
N LYS E 50 20.89 -14.25 0.67
CA LYS E 50 21.13 -13.96 -0.73
C LYS E 50 19.85 -13.56 -1.46
N GLY E 51 19.97 -12.59 -2.37
CA GLY E 51 18.83 -12.16 -3.16
C GLY E 51 17.95 -11.12 -2.52
N TYR E 52 18.39 -10.57 -1.39
CA TYR E 52 17.63 -9.56 -0.65
C TYR E 52 18.53 -8.53 -0.02
N VAL E 53 18.03 -7.31 0.08
CA VAL E 53 18.68 -6.25 0.82
C VAL E 53 17.62 -5.70 1.74
N LEU E 54 17.98 -5.48 3.01
CA LEU E 54 17.06 -4.90 4.00
C LEU E 54 17.22 -3.40 4.07
N VAL E 55 16.11 -2.66 4.04
CA VAL E 55 16.15 -1.20 4.02
C VAL E 55 15.33 -0.67 5.18
N GLU E 56 15.99 0.08 6.05
CA GLU E 56 15.35 0.73 7.18
C GLU E 56 14.96 2.15 6.76
N ALA E 57 13.66 2.45 6.82
CA ALA E 57 13.12 3.70 6.31
C ALA E 57 11.89 4.14 7.10
N GLU E 58 11.51 5.39 6.95
CA GLU E 58 10.39 5.93 7.70
C GLU E 58 9.04 5.38 7.21
N THR E 59 8.92 5.19 5.90
CA THR E 59 7.67 4.75 5.31
C THR E 59 7.97 3.80 4.16
N LYS E 60 6.97 3.02 3.76
CA LYS E 60 7.13 2.14 2.62
C LYS E 60 7.36 2.96 1.34
N GLY E 61 6.69 4.11 1.27
CA GLY E 61 6.84 5.03 0.16
C GLY E 61 8.28 5.43 -0.08
N ASP E 62 9.04 5.57 0.99
CA ASP E 62 10.46 5.90 0.85
C ASP E 62 11.17 4.80 0.08
N VAL E 63 10.85 3.56 0.41
CA VAL E 63 11.48 2.41 -0.23
C VAL E 63 11.02 2.29 -1.69
N GLU E 64 9.75 2.57 -1.94
CA GLU E 64 9.21 2.55 -3.28
C GLU E 64 9.96 3.54 -4.17
N GLU E 65 10.16 4.75 -3.65
CA GLU E 65 10.87 5.79 -4.42
C GLU E 65 12.35 5.39 -4.56
N LEU E 66 12.88 4.74 -3.52
CA LEU E 66 14.28 4.35 -3.52
C LEU E 66 14.57 3.40 -4.66
N ILE E 67 13.68 2.44 -4.88
CA ILE E 67 13.96 1.38 -5.86
C ILE E 67 13.37 1.70 -7.23
N LYS E 68 12.64 2.79 -7.31
CA LYS E 68 11.92 3.16 -8.53
C LYS E 68 12.87 3.20 -9.73
N GLY E 69 12.67 2.29 -10.68
CA GLY E 69 13.47 2.25 -11.89
C GLY E 69 14.88 1.66 -11.70
N MET E 70 15.18 1.16 -10.51
CA MET E 70 16.50 0.60 -10.27
C MET E 70 16.65 -0.77 -10.93
N PRO E 71 17.71 -0.95 -11.75
CA PRO E 71 17.89 -2.26 -12.39
C PRO E 71 18.19 -3.37 -11.38
N ARG E 72 17.80 -4.60 -11.72
CA ARG E 72 18.16 -5.80 -10.96
C ARG E 72 17.44 -5.88 -9.60
N VAL E 73 16.43 -5.03 -9.42
CA VAL E 73 15.56 -5.11 -8.26
C VAL E 73 14.18 -5.63 -8.68
N ARG E 74 13.69 -6.63 -7.97
CA ARG E 74 12.42 -7.26 -8.34
C ARG E 74 11.20 -6.64 -7.66
N GLY E 75 11.41 -6.12 -6.46
CA GLY E 75 10.31 -5.50 -5.73
C GLY E 75 10.46 -5.59 -4.22
N ILE E 76 9.40 -5.25 -3.48
CA ILE E 76 9.49 -5.25 -2.04
C ILE E 76 8.68 -6.41 -1.46
N VAL E 77 9.27 -7.15 -0.52
CA VAL E 77 8.55 -8.21 0.20
C VAL E 77 7.44 -7.57 1.03
N PRO E 78 6.25 -8.17 1.05
CA PRO E 78 5.15 -7.56 1.79
C PRO E 78 5.42 -7.59 3.28
N GLY E 79 5.07 -6.51 4.00
CA GLY E 79 5.15 -6.49 5.45
C GLY E 79 6.49 -5.99 5.94
N THR E 80 6.52 -5.39 7.13
CA THR E 80 7.77 -4.95 7.71
C THR E 80 8.50 -6.13 8.34
N ILE E 81 9.79 -5.93 8.60
CA ILE E 81 10.60 -6.93 9.26
C ILE E 81 10.89 -6.42 10.66
N ALA E 82 10.67 -7.26 11.66
CA ALA E 82 10.90 -6.87 13.06
C ALA E 82 12.41 -6.83 13.37
N ILE E 83 12.82 -5.89 14.21
CA ILE E 83 14.23 -5.72 14.52
C ILE E 83 14.87 -7.02 15.06
N GLU E 84 14.09 -7.80 15.81
CA GLU E 84 14.61 -9.07 16.35
C GLU E 84 14.97 -10.10 15.28
N GLU E 85 14.33 -10.04 14.14
CA GLU E 85 14.65 -10.97 13.04
C GLU E 85 15.92 -10.56 12.30
N ILE E 86 16.38 -9.34 12.55
CA ILE E 86 17.56 -8.77 11.91
C ILE E 86 18.83 -8.91 12.76
N GLU E 87 18.68 -8.80 14.06
CA GLU E 87 19.82 -8.86 14.97
C GLU E 87 20.81 -10.02 14.77
N PRO E 88 20.30 -11.24 14.56
CA PRO E 88 21.24 -12.35 14.33
C PRO E 88 22.11 -12.10 13.10
N LEU E 89 21.63 -11.30 12.15
CA LEU E 89 22.40 -11.00 10.94
C LEU E 89 23.57 -10.06 11.21
N LEU E 90 23.50 -9.34 12.33
CA LEU E 90 24.52 -8.36 12.70
C LEU E 90 25.84 -8.98 13.13
N THR E 91 25.77 -10.13 13.79
CA THR E 91 26.98 -10.86 14.09
C THR E 91 26.95 -12.18 13.33
N PRO E 92 27.44 -12.17 12.08
CA PRO E 92 27.42 -13.33 11.18
C PRO E 92 27.82 -14.64 11.86
N MET F 1 38.77 -2.92 -1.19
CA MET F 1 38.13 -2.30 -0.03
C MET F 1 38.47 -3.10 1.22
N ARG F 2 38.77 -2.40 2.31
CA ARG F 2 39.18 -3.02 3.56
C ARG F 2 38.23 -2.60 4.65
N ALA F 3 38.29 -3.28 5.79
CA ALA F 3 37.41 -2.95 6.91
C ALA F 3 38.23 -2.88 8.17
N CYS F 4 37.93 -1.90 9.03
CA CYS F 4 38.68 -1.74 10.26
C CYS F 4 38.54 -3.02 11.10
N LEU F 5 39.64 -3.52 11.65
CA LEU F 5 39.61 -4.74 12.47
C LEU F 5 38.81 -4.55 13.77
N LYS F 6 38.68 -3.31 14.21
CA LYS F 6 38.05 -2.98 15.48
C LYS F 6 36.59 -2.55 15.34
N CYS F 7 36.33 -1.60 14.43
CA CYS F 7 35.01 -1.03 14.32
C CYS F 7 34.33 -1.33 12.98
N LYS F 8 35.04 -2.04 12.09
CA LYS F 8 34.44 -2.56 10.85
C LYS F 8 34.15 -1.52 9.77
N TYR F 9 34.50 -0.27 10.06
CA TYR F 9 34.40 0.79 9.03
C TYR F 9 35.08 0.39 7.72
N LEU F 10 34.40 0.63 6.61
CA LEU F 10 34.95 0.23 5.31
C LEU F 10 35.73 1.36 4.65
N THR F 11 36.95 1.06 4.21
CA THR F 11 37.79 2.06 3.57
C THR F 11 38.90 1.39 2.75
N ASN F 12 39.43 2.10 1.76
CA ASN F 12 40.58 1.63 1.03
C ASN F 12 41.84 1.86 1.84
N ASP F 13 41.74 2.72 2.85
CA ASP F 13 42.85 3.04 3.74
C ASP F 13 43.31 1.82 4.51
N GLU F 14 44.63 1.68 4.71
CA GLU F 14 45.17 0.63 5.59
C GLU F 14 44.96 0.94 7.08
N ILE F 15 44.53 2.16 7.38
CA ILE F 15 44.31 2.58 8.76
C ILE F 15 42.92 3.20 8.86
N CYS F 16 42.17 2.83 9.89
CA CYS F 16 40.80 3.34 10.08
C CYS F 16 40.79 4.83 10.40
N PRO F 17 40.03 5.62 9.62
CA PRO F 17 39.95 7.07 9.83
C PRO F 17 39.19 7.41 11.12
N ILE F 18 38.44 6.46 11.65
CA ILE F 18 37.72 6.69 12.90
C ILE F 18 38.58 6.39 14.13
N CYS F 19 39.04 5.16 14.23
CA CYS F 19 39.70 4.67 15.45
C CYS F 19 41.19 4.32 15.29
N HIS F 20 41.76 4.54 14.11
CA HIS F 20 43.23 4.40 13.89
C HIS F 20 43.75 2.94 13.93
N SER F 21 42.85 1.97 13.96
CA SER F 21 43.31 0.60 13.98
C SER F 21 43.58 0.13 12.53
N PRO F 22 44.35 -0.96 12.38
CA PRO F 22 44.61 -1.54 11.06
C PRO F 22 43.31 -2.01 10.41
N THR F 23 43.26 -2.00 9.08
CA THR F 23 42.12 -2.50 8.33
C THR F 23 42.53 -3.78 7.66
N SER F 24 41.54 -4.56 7.23
CA SER F 24 41.79 -5.84 6.60
C SER F 24 40.89 -6.04 5.40
N GLU F 25 41.41 -6.74 4.39
CA GLU F 25 40.60 -7.07 3.21
C GLU F 25 39.64 -8.21 3.49
N ASN F 26 39.85 -8.90 4.60
CA ASN F 26 39.09 -10.12 4.90
C ASN F 26 37.85 -9.80 5.73
N TRP F 27 36.82 -9.28 5.07
CA TRP F 27 35.61 -8.87 5.77
C TRP F 27 34.37 -9.42 5.06
N ILE F 28 33.26 -9.43 5.77
CA ILE F 28 32.03 -10.05 5.30
C ILE F 28 30.81 -9.26 5.72
N GLY F 29 29.86 -9.11 4.80
CA GLY F 29 28.59 -8.48 5.12
C GLY F 29 28.72 -6.99 4.90
N LEU F 30 27.59 -6.32 4.65
CA LEU F 30 27.59 -4.86 4.44
C LEU F 30 26.43 -4.19 5.18
N LEU F 31 26.75 -3.18 5.99
CA LEU F 31 25.74 -2.37 6.67
C LEU F 31 26.08 -0.91 6.36
N ILE F 32 25.24 -0.27 5.57
CA ILE F 32 25.45 1.12 5.25
C ILE F 32 24.55 1.96 6.14
N VAL F 33 25.16 2.76 7.00
CA VAL F 33 24.41 3.62 7.89
C VAL F 33 24.37 5.04 7.32
N ILE F 34 23.18 5.46 6.92
CA ILE F 34 23.02 6.78 6.32
C ILE F 34 22.73 7.80 7.41
N ASN F 35 21.83 7.43 8.33
CA ASN F 35 21.48 8.30 9.45
C ASN F 35 21.55 7.54 10.79
N PRO F 36 22.71 7.64 11.47
CA PRO F 36 22.98 6.92 12.72
C PRO F 36 21.96 7.31 13.79
N GLU F 37 21.65 8.60 13.86
CA GLU F 37 20.71 9.09 14.87
C GLU F 37 19.33 8.43 14.75
N LYS F 38 18.89 8.16 13.52
CA LYS F 38 17.54 7.65 13.35
C LYS F 38 17.49 6.16 13.06
N SER F 39 18.66 5.53 12.88
CA SER F 39 18.71 4.10 12.57
C SER F 39 18.72 3.19 13.81
N GLU F 40 17.68 2.41 13.99
CA GLU F 40 17.62 1.42 15.06
C GLU F 40 18.66 0.31 14.80
N ILE F 41 18.85 -0.06 13.53
CA ILE F 41 19.84 -1.08 13.20
C ILE F 41 21.26 -0.60 13.56
N ALA F 42 21.59 0.66 13.23
CA ALA F 42 22.90 1.21 13.62
C ALA F 42 23.10 1.10 15.15
N LYS F 43 22.06 1.45 15.90
CA LYS F 43 22.17 1.41 17.35
C LYS F 43 22.43 -0.01 17.82
N LYS F 44 21.70 -0.99 17.28
CA LYS F 44 21.96 -2.38 17.66
C LYS F 44 23.38 -2.81 17.28
N ALA F 45 23.92 -2.23 16.21
CA ALA F 45 25.26 -2.59 15.74
C ALA F 45 26.35 -1.78 16.44
N GLY F 46 25.96 -0.87 17.33
CA GLY F 46 26.91 -0.03 18.05
C GLY F 46 27.55 1.02 17.16
N ILE F 47 26.85 1.41 16.10
CA ILE F 47 27.37 2.40 15.16
C ILE F 47 26.75 3.78 15.41
N ASP F 48 27.58 4.80 15.60
CA ASP F 48 27.05 6.14 15.84
C ASP F 48 27.60 7.18 14.86
N ILE F 49 28.31 6.73 13.83
CA ILE F 49 28.72 7.68 12.80
C ILE F 49 28.43 7.10 11.41
N LYS F 50 27.95 7.95 10.51
CA LYS F 50 27.53 7.48 9.20
C LYS F 50 28.70 6.88 8.42
N GLY F 51 28.39 5.90 7.57
CA GLY F 51 29.41 5.25 6.77
C GLY F 51 28.99 3.84 6.40
N LYS F 52 29.92 3.11 5.79
CA LYS F 52 29.62 1.75 5.41
C LYS F 52 30.48 0.87 6.29
N TYR F 53 29.91 -0.23 6.76
CA TYR F 53 30.57 -1.13 7.68
C TYR F 53 30.46 -2.59 7.23
N ALA F 54 31.49 -3.38 7.54
CA ALA F 54 31.39 -4.84 7.37
C ALA F 54 30.57 -5.42 8.52
N LEU F 55 30.06 -6.64 8.39
CA LEU F 55 29.37 -7.24 9.53
C LEU F 55 30.34 -8.03 10.38
N SER F 56 31.37 -8.61 9.74
CA SER F 56 32.44 -9.25 10.49
C SER F 56 33.79 -9.05 9.74
N VAL F 57 34.88 -9.10 10.49
CA VAL F 57 36.20 -8.85 9.92
C VAL F 57 37.20 -9.74 10.61
N LYS F 58 38.19 -10.20 9.86
CA LYS F 58 39.32 -10.93 10.42
C LYS F 58 40.61 -10.53 9.72
N GLU F 59 41.73 -10.78 10.37
CA GLU F 59 43.03 -10.51 9.75
C GLU F 59 43.26 -11.40 8.53
N ALA G 9 -5.31 16.85 -2.75
CA ALA G 9 -5.20 16.72 -1.30
C ALA G 9 -5.96 15.48 -0.84
N HIS G 10 -6.02 15.26 0.48
CA HIS G 10 -6.79 14.15 1.02
C HIS G 10 -7.56 14.38 2.33
N MET G 11 -6.91 14.13 3.45
CA MET G 11 -7.67 13.83 4.68
C MET G 11 -8.43 14.97 5.35
N ILE G 12 -9.69 14.69 5.66
CA ILE G 12 -10.52 15.59 6.44
C ILE G 12 -11.18 14.77 7.56
N PHE G 13 -11.18 15.32 8.77
CA PHE G 13 -11.76 14.63 9.93
C PHE G 13 -12.79 15.50 10.60
N ALA G 14 -13.84 14.86 11.13
CA ALA G 14 -14.79 15.56 11.98
C ALA G 14 -14.39 15.43 13.46
N VAL G 15 -14.25 16.57 14.12
CA VAL G 15 -13.90 16.59 15.52
C VAL G 15 -15.16 16.95 16.30
N ARG G 16 -15.55 16.12 17.26
CA ARG G 16 -16.80 16.38 17.96
C ARG G 16 -16.54 17.37 19.08
N THR G 17 -17.40 18.38 19.18
CA THR G 17 -17.24 19.38 20.23
C THR G 17 -18.53 19.54 21.03
N MET G 18 -18.50 20.38 22.05
CA MET G 18 -19.74 20.77 22.68
C MET G 18 -20.55 21.64 21.73
N VAL G 19 -21.87 21.44 21.78
CA VAL G 19 -22.75 22.19 20.90
C VAL G 19 -22.66 23.65 21.27
N GLY G 20 -22.51 24.51 20.27
CA GLY G 20 -22.41 25.92 20.55
C GLY G 20 -21.00 26.45 20.68
N GLN G 21 -20.04 25.54 20.84
CA GLN G 21 -18.62 25.91 20.96
C GLN G 21 -17.84 25.71 19.67
N GLU G 22 -18.55 25.53 18.56
CA GLU G 22 -17.87 25.16 17.32
C GLU G 22 -16.88 26.22 16.84
N LYS G 23 -17.35 27.45 16.67
CA LYS G 23 -16.47 28.53 16.21
C LYS G 23 -15.35 28.82 17.21
N ASN G 24 -15.68 28.80 18.50
CA ASN G 24 -14.67 28.99 19.54
C ASN G 24 -13.54 27.98 19.38
N ILE G 25 -13.90 26.71 19.22
CA ILE G 25 -12.89 25.68 19.08
C ILE G 25 -12.10 25.80 17.76
N ALA G 26 -12.75 26.18 16.68
CA ALA G 26 -12.07 26.39 15.41
C ALA G 26 -10.97 27.44 15.60
N GLY G 27 -11.26 28.47 16.40
CA GLY G 27 -10.31 29.54 16.65
C GLY G 27 -9.12 29.07 17.45
N LEU G 28 -9.38 28.34 18.54
CA LEU G 28 -8.30 27.73 19.30
C LEU G 28 -7.46 26.78 18.46
N MET G 29 -8.13 26.02 17.59
CA MET G 29 -7.44 25.08 16.71
C MET G 29 -6.47 25.80 15.76
N ALA G 30 -6.93 26.90 15.17
CA ALA G 30 -6.13 27.60 14.19
C ALA G 30 -4.86 28.14 14.85
N SER G 31 -5.04 28.71 16.05
CA SER G 31 -3.90 29.22 16.82
C SER G 31 -2.91 28.11 17.13
N ARG G 32 -3.41 26.96 17.62
CA ARG G 32 -2.52 25.88 17.99
C ARG G 32 -1.82 25.29 16.77
N ALA G 33 -2.54 25.23 15.64
CA ALA G 33 -1.96 24.68 14.44
C ALA G 33 -0.74 25.49 14.02
N GLU G 34 -0.88 26.81 14.05
CA GLU G 34 0.20 27.69 13.64
C GLU G 34 1.35 27.63 14.64
N LYS G 35 1.03 27.76 15.92
CA LYS G 35 2.05 27.73 16.97
C LYS G 35 2.85 26.42 16.98
N GLU G 36 2.16 25.28 16.84
CA GLU G 36 2.80 23.97 16.88
C GLU G 36 3.26 23.48 15.50
N GLN G 37 3.05 24.30 14.48
CA GLN G 37 3.45 23.96 13.11
C GLN G 37 2.91 22.60 12.67
N LEU G 38 1.61 22.38 12.91
CA LEU G 38 0.96 21.15 12.49
C LEU G 38 0.52 21.25 11.04
N ASP G 39 0.47 20.12 10.35
CA ASP G 39 0.01 20.10 8.97
C ASP G 39 -1.52 20.12 8.90
N VAL G 40 -2.09 21.20 9.40
CA VAL G 40 -3.53 21.44 9.36
C VAL G 40 -3.75 22.56 8.36
N TYR G 41 -4.63 22.34 7.40
CA TYR G 41 -4.74 23.26 6.29
C TYR G 41 -5.99 24.11 6.31
N SER G 42 -7.08 23.55 6.84
CA SER G 42 -8.27 24.36 7.03
C SER G 42 -9.14 23.78 8.13
N ILE G 43 -10.03 24.62 8.65
CA ILE G 43 -10.94 24.23 9.72
C ILE G 43 -12.31 24.82 9.37
N LEU G 44 -13.36 24.01 9.43
CA LEU G 44 -14.67 24.46 8.98
C LEU G 44 -15.72 24.23 10.06
N ALA G 45 -16.42 25.30 10.42
CA ALA G 45 -17.52 25.21 11.40
C ALA G 45 -18.79 25.71 10.76
N SER G 46 -19.66 24.77 10.37
CA SER G 46 -20.90 25.07 9.69
C SER G 46 -22.05 25.13 10.67
N GLU G 47 -22.92 26.12 10.51
CA GLU G 47 -24.10 26.24 11.36
C GLU G 47 -25.05 25.06 11.18
N SER G 48 -24.90 24.37 10.06
CA SER G 48 -25.80 23.25 9.78
C SER G 48 -25.19 21.96 10.31
N LEU G 49 -24.10 22.10 11.06
CA LEU G 49 -23.43 20.94 11.64
C LEU G 49 -23.05 21.23 13.08
N LYS G 50 -24.04 21.24 13.96
CA LYS G 50 -23.76 21.58 15.35
C LYS G 50 -23.02 20.46 16.06
N GLY G 51 -22.09 20.83 16.94
CA GLY G 51 -21.34 19.90 17.75
C GLY G 51 -20.14 19.26 17.08
N TYR G 52 -19.78 19.78 15.90
CA TYR G 52 -18.66 19.25 15.14
C TYR G 52 -17.90 20.35 14.45
N VAL G 53 -16.59 20.17 14.34
CA VAL G 53 -15.76 21.02 13.53
C VAL G 53 -14.99 20.11 12.56
N LEU G 54 -14.87 20.52 11.29
CA LEU G 54 -14.18 19.71 10.30
C LEU G 54 -12.75 20.19 10.14
N VAL G 55 -11.80 19.27 10.16
CA VAL G 55 -10.37 19.63 10.15
C VAL G 55 -9.69 18.94 8.98
N GLU G 56 -9.20 19.74 8.06
CA GLU G 56 -8.48 19.22 6.90
C GLU G 56 -7.00 19.20 7.26
N ALA G 57 -6.41 18.01 7.23
CA ALA G 57 -5.02 17.81 7.67
C ALA G 57 -4.32 16.72 6.87
N GLU G 58 -3.00 16.69 6.94
CA GLU G 58 -2.23 15.68 6.23
C GLU G 58 -2.42 14.28 6.79
N THR G 59 -2.47 14.17 8.11
CA THR G 59 -2.60 12.88 8.77
C THR G 59 -3.55 12.99 9.94
N LYS G 60 -4.03 11.85 10.41
CA LYS G 60 -4.91 11.82 11.59
C LYS G 60 -4.12 12.27 12.79
N GLY G 61 -2.84 11.92 12.83
CA GLY G 61 -1.95 12.30 13.92
C GLY G 61 -1.86 13.81 14.11
N ASP G 62 -1.92 14.55 13.01
CA ASP G 62 -1.96 16.01 13.10
C ASP G 62 -3.19 16.46 13.90
N VAL G 63 -4.33 15.82 13.62
CA VAL G 63 -5.56 16.19 14.31
C VAL G 63 -5.49 15.76 15.78
N GLU G 64 -4.91 14.61 16.05
CA GLU G 64 -4.76 14.15 17.42
C GLU G 64 -3.94 15.14 18.23
N GLU G 65 -2.84 15.61 17.63
CA GLU G 65 -1.99 16.58 18.31
C GLU G 65 -2.71 17.91 18.45
N LEU G 66 -3.49 18.26 17.43
CA LEU G 66 -4.25 19.50 17.42
C LEU G 66 -5.20 19.61 18.60
N ILE G 67 -5.93 18.53 18.87
CA ILE G 67 -6.94 18.57 19.92
C ILE G 67 -6.43 18.11 21.28
N LYS G 68 -5.19 17.64 21.31
CA LYS G 68 -4.61 17.11 22.53
C LYS G 68 -4.77 18.09 23.70
N GLY G 69 -5.54 17.70 24.71
CA GLY G 69 -5.72 18.53 25.88
C GLY G 69 -6.64 19.73 25.70
N MET G 70 -7.27 19.84 24.53
CA MET G 70 -8.15 20.98 24.27
C MET G 70 -9.49 20.84 25.02
N PRO G 71 -9.87 21.85 25.81
CA PRO G 71 -11.16 21.75 26.49
C PRO G 71 -12.34 21.70 25.54
N ARG G 72 -13.42 21.02 25.95
CA ARG G 72 -14.69 21.07 25.24
C ARG G 72 -14.67 20.29 23.91
N VAL G 73 -13.61 19.51 23.71
CA VAL G 73 -13.54 18.62 22.55
C VAL G 73 -13.68 17.19 23.05
N ARG G 74 -14.56 16.42 22.41
CA ARG G 74 -14.85 15.05 22.88
C ARG G 74 -14.00 14.01 22.18
N GLY G 75 -13.60 14.29 20.93
CA GLY G 75 -12.75 13.36 20.21
C GLY G 75 -12.92 13.45 18.71
N ILE G 76 -12.40 12.46 18.00
CA ILE G 76 -12.48 12.47 16.55
C ILE G 76 -13.42 11.37 16.06
N VAL G 77 -14.32 11.74 15.15
CA VAL G 77 -15.18 10.77 14.49
C VAL G 77 -14.29 9.82 13.66
N PRO G 78 -14.57 8.51 13.72
CA PRO G 78 -13.77 7.55 12.95
C PRO G 78 -13.92 7.75 11.43
N GLY G 79 -12.80 7.63 10.73
CA GLY G 79 -12.82 7.65 9.27
C GLY G 79 -12.74 9.05 8.70
N THR G 80 -12.24 9.17 7.47
CA THR G 80 -12.14 10.46 6.83
C THR G 80 -13.49 10.88 6.27
N ILE G 81 -13.63 12.16 5.97
CA ILE G 81 -14.82 12.70 5.31
C ILE G 81 -14.44 13.06 3.88
N ALA G 82 -15.23 12.60 2.91
CA ALA G 82 -14.98 12.87 1.51
C ALA G 82 -15.34 14.32 1.17
N ILE G 83 -14.56 14.93 0.29
CA ILE G 83 -14.76 16.32 -0.07
C ILE G 83 -16.19 16.59 -0.54
N GLU G 84 -16.77 15.64 -1.27
CA GLU G 84 -18.14 15.80 -1.75
C GLU G 84 -19.18 15.97 -0.63
N GLU G 85 -18.91 15.41 0.54
CA GLU G 85 -19.85 15.51 1.65
C GLU G 85 -19.75 16.88 2.33
N ILE G 86 -18.69 17.59 2.01
CA ILE G 86 -18.40 18.90 2.60
C ILE G 86 -18.90 20.06 1.72
N GLU G 87 -18.85 19.88 0.40
CA GLU G 87 -19.18 20.94 -0.55
C GLU G 87 -20.53 21.64 -0.31
N PRO G 88 -21.58 20.86 -0.01
CA PRO G 88 -22.86 21.52 0.26
C PRO G 88 -22.80 22.46 1.46
N LEU G 89 -21.87 22.25 2.36
CA LEU G 89 -21.70 23.12 3.52
C LEU G 89 -21.10 24.48 3.16
N LEU G 90 -20.45 24.54 1.99
CA LEU G 90 -19.73 25.74 1.56
C LEU G 90 -20.65 26.85 1.13
N THR G 91 -21.77 26.50 0.54
CA THR G 91 -22.79 27.48 0.25
C THR G 91 -24.03 27.15 1.06
N PRO G 92 -24.10 27.68 2.29
CA PRO G 92 -25.18 27.41 3.26
C PRO G 92 -26.58 27.43 2.65
N MET H 1 -17.22 41.51 14.83
CA MET H 1 -16.56 40.97 13.64
C MET H 1 -17.52 41.02 12.46
N ARG H 2 -16.99 41.47 11.33
CA ARG H 2 -17.78 41.65 10.12
C ARG H 2 -17.21 40.77 9.02
N ALA H 3 -17.97 40.58 7.94
CA ALA H 3 -17.52 39.74 6.85
C ALA H 3 -17.73 40.47 5.55
N CYS H 4 -16.77 40.35 4.63
CA CYS H 4 -16.90 41.01 3.33
C CYS H 4 -18.17 40.52 2.62
N LEU H 5 -18.97 41.45 2.11
CA LEU H 5 -20.20 41.08 1.38
C LEU H 5 -19.90 40.31 0.10
N LYS H 6 -18.69 40.46 -0.43
CA LYS H 6 -18.32 39.86 -1.72
C LYS H 6 -17.55 38.55 -1.56
N CYS H 7 -16.49 38.57 -0.75
CA CYS H 7 -15.60 37.42 -0.64
C CYS H 7 -15.62 36.79 0.76
N LYS H 8 -16.40 37.36 1.68
CA LYS H 8 -16.68 36.73 2.97
C LYS H 8 -15.53 36.75 3.97
N TYR H 9 -14.43 37.40 3.60
CA TYR H 9 -13.29 37.60 4.51
C TYR H 9 -13.75 38.26 5.81
N LEU H 10 -13.26 37.75 6.93
CA LEU H 10 -13.70 38.25 8.24
C LEU H 10 -12.77 39.32 8.77
N THR H 11 -13.35 40.41 9.26
CA THR H 11 -12.57 41.52 9.76
C THR H 11 -13.41 42.50 10.57
N ASN H 12 -12.77 43.24 11.46
CA ASN H 12 -13.46 44.27 12.21
C ASN H 12 -13.61 45.50 11.35
N ASP H 13 -12.85 45.54 10.26
CA ASP H 13 -12.86 46.65 9.31
C ASP H 13 -14.21 46.77 8.60
N GLU H 14 -14.65 47.98 8.34
CA GLU H 14 -15.89 48.20 7.57
C GLU H 14 -15.66 48.01 6.07
N ILE H 15 -14.39 47.85 5.68
CA ILE H 15 -14.04 47.67 4.27
C ILE H 15 -13.10 46.49 4.16
N CYS H 16 -13.36 45.61 3.21
CA CYS H 16 -12.53 44.40 3.04
C CYS H 16 -11.11 44.75 2.58
N PRO H 17 -10.10 44.25 3.32
CA PRO H 17 -8.69 44.49 2.98
C PRO H 17 -8.29 43.79 1.68
N ILE H 18 -9.05 42.77 1.27
CA ILE H 18 -8.73 42.08 0.03
C ILE H 18 -9.32 42.77 -1.18
N CYS H 19 -10.65 42.92 -1.18
CA CYS H 19 -11.37 43.38 -2.37
C CYS H 19 -12.07 44.74 -2.25
N HIS H 20 -11.90 45.42 -1.12
CA HIS H 20 -12.40 46.80 -0.93
C HIS H 20 -13.92 46.93 -0.86
N SER H 21 -14.63 45.82 -0.81
CA SER H 21 -16.09 45.91 -0.72
C SER H 21 -16.50 46.10 0.74
N PRO H 22 -17.75 46.57 0.96
CA PRO H 22 -18.25 46.78 2.32
C PRO H 22 -18.32 45.46 3.07
N THR H 23 -18.20 45.51 4.39
CA THR H 23 -18.37 44.32 5.21
C THR H 23 -19.67 44.42 5.98
N SER H 24 -20.11 43.29 6.52
CA SER H 24 -21.37 43.26 7.25
C SER H 24 -21.27 42.39 8.49
N GLU H 25 -22.01 42.76 9.53
CA GLU H 25 -22.03 41.99 10.75
C GLU H 25 -22.90 40.75 10.61
N ASN H 26 -23.70 40.72 9.54
CA ASN H 26 -24.69 39.67 9.36
C ASN H 26 -24.14 38.51 8.55
N TRP H 27 -23.32 37.68 9.20
CA TRP H 27 -22.68 36.57 8.51
C TRP H 27 -22.81 35.29 9.31
N ILE H 28 -22.60 34.17 8.63
CA ILE H 28 -22.87 32.85 9.20
C ILE H 28 -21.82 31.87 8.76
N GLY H 29 -21.34 31.06 9.70
CA GLY H 29 -20.47 29.95 9.38
C GLY H 29 -19.03 30.43 9.44
N LEU H 30 -18.11 29.50 9.65
CA LEU H 30 -16.70 29.88 9.76
C LEU H 30 -15.80 28.89 9.01
N LEU H 31 -14.96 29.42 8.12
CA LEU H 31 -13.97 28.63 7.41
C LEU H 31 -12.64 29.32 7.58
N ILE H 32 -11.75 28.70 8.33
CA ILE H 32 -10.43 29.26 8.54
C ILE H 32 -9.49 28.56 7.59
N VAL H 33 -8.90 29.32 6.68
CA VAL H 33 -7.95 28.75 5.75
C VAL H 33 -6.55 29.08 6.21
N ILE H 34 -5.82 28.06 6.63
CA ILE H 34 -4.46 28.26 7.11
C ILE H 34 -3.47 28.15 5.95
N ASN H 35 -3.70 27.17 5.08
CA ASN H 35 -2.84 26.98 3.91
C ASN H 35 -3.65 26.80 2.64
N PRO H 36 -3.89 27.90 1.91
CA PRO H 36 -4.73 27.91 0.71
C PRO H 36 -4.18 26.95 -0.34
N GLU H 37 -2.86 26.98 -0.52
CA GLU H 37 -2.23 26.16 -1.55
C GLU H 37 -2.50 24.65 -1.34
N LYS H 38 -2.54 24.21 -0.09
CA LYS H 38 -2.69 22.79 0.19
C LYS H 38 -4.10 22.39 0.61
N SER H 39 -4.99 23.37 0.78
CA SER H 39 -6.35 23.07 1.20
C SER H 39 -7.33 22.80 0.04
N GLU H 40 -7.80 21.57 -0.05
CA GLU H 40 -8.84 21.22 -1.00
C GLU H 40 -10.16 21.97 -0.71
N ILE H 41 -10.49 22.14 0.58
CA ILE H 41 -11.69 22.89 0.95
C ILE H 41 -11.61 24.37 0.50
N ALA H 42 -10.48 25.01 0.74
CA ALA H 42 -10.28 26.38 0.26
C ALA H 42 -10.52 26.47 -1.25
N LYS H 43 -9.96 25.52 -1.98
CA LYS H 43 -10.16 25.52 -3.44
C LYS H 43 -11.64 25.41 -3.81
N LYS H 44 -12.37 24.52 -3.14
CA LYS H 44 -13.79 24.38 -3.44
C LYS H 44 -14.53 25.66 -3.07
N ALA H 45 -14.05 26.36 -2.06
CA ALA H 45 -14.67 27.60 -1.60
C ALA H 45 -14.23 28.82 -2.39
N GLY H 46 -13.33 28.61 -3.36
CA GLY H 46 -12.81 29.73 -4.15
C GLY H 46 -11.91 30.65 -3.36
N ILE H 47 -11.27 30.12 -2.33
CA ILE H 47 -10.37 30.91 -1.49
C ILE H 47 -8.91 30.65 -1.84
N ASP H 48 -8.15 31.70 -2.17
CA ASP H 48 -6.74 31.49 -2.49
C ASP H 48 -5.80 32.31 -1.62
N ILE H 49 -6.32 32.97 -0.59
CA ILE H 49 -5.47 33.65 0.37
C ILE H 49 -5.86 33.29 1.82
N LYS H 50 -4.86 33.08 2.66
CA LYS H 50 -5.11 32.64 4.02
C LYS H 50 -5.93 33.66 4.81
N GLY H 51 -6.72 33.17 5.75
CA GLY H 51 -7.54 34.03 6.58
C GLY H 51 -8.78 33.30 7.08
N LYS H 52 -9.67 34.04 7.71
CA LYS H 52 -10.90 33.46 8.20
C LYS H 52 -12.02 34.03 7.35
N TYR H 53 -12.97 33.17 6.98
CA TYR H 53 -14.09 33.54 6.12
C TYR H 53 -15.43 33.09 6.69
N ALA H 54 -16.48 33.86 6.40
CA ALA H 54 -17.82 33.42 6.71
C ALA H 54 -18.25 32.43 5.62
N LEU H 55 -19.29 31.62 5.88
CA LEU H 55 -19.80 30.76 4.84
C LEU H 55 -20.88 31.46 4.02
N SER H 56 -21.62 32.35 4.68
CA SER H 56 -22.59 33.19 3.97
C SER H 56 -22.70 34.57 4.65
N VAL H 57 -22.99 35.57 3.84
CA VAL H 57 -23.09 36.94 4.34
C VAL H 57 -24.27 37.65 3.70
N LYS H 58 -24.88 38.54 4.46
CA LYS H 58 -25.94 39.40 3.93
C LYS H 58 -25.83 40.78 4.56
N GLU H 59 -26.40 41.78 3.90
CA GLU H 59 -26.39 43.12 4.45
C GLU H 59 -27.20 43.18 5.73
#